data_4BJT
#
_entry.id   4BJT
#
_cell.length_a   164.010
_cell.length_b   88.900
_cell.length_c   57.580
_cell.angle_alpha   90.00
_cell.angle_beta   90.09
_cell.angle_gamma   90.00
#
_symmetry.space_group_name_H-M   'C 1 2 1'
#
loop_
_entity.id
_entity.type
_entity.pdbx_description
1 polymer 'DNA-BINDING PROTEIN RAP1'
2 polymer 'TELOMERE LENGTH REGULATOR PROTEIN RIF1'
3 non-polymer 1,2-ETHANEDIOL
4 water water
#
loop_
_entity_poly.entity_id
_entity_poly.type
_entity_poly.pdbx_seq_one_letter_code
_entity_poly.pdbx_strand_id
1 'polypeptide(L)'
;GASNSYAIPENELLDEDTMNFISSLKNDLSNISNSLPFEYPHEIAEAIRSDFSNEDIYDNIDPDTISFPPKIATTDLFLP
LFFHFGSTRQFMDKLHEVISGDYEPSQAEKLVQDLCDETGIRKNFSTSILTCLSGDLMVFPRYFLNMFKDNVNPPPNVPG
IWTHDDDESLKSNDQEQIRKLVKKHGTGRMEMRKRFFEKDLL
;
A,B,C
2 'polypeptide(L)' ADISVLPEIRIPIFNSLKMQ D,E,F
#
# COMPACT_ATOMS: atom_id res chain seq x y z
N ASP A 51 -28.72 -20.82 -3.92
CA ASP A 51 -28.25 -22.13 -4.35
C ASP A 51 -27.79 -22.09 -5.80
N PHE A 52 -28.65 -21.61 -6.72
CA PHE A 52 -28.25 -21.48 -8.12
C PHE A 52 -27.43 -20.21 -8.33
N SER A 53 -26.50 -20.27 -9.25
CA SER A 53 -25.67 -19.14 -9.62
C SER A 53 -25.27 -19.30 -11.07
N ASN A 54 -25.29 -18.20 -11.82
CA ASN A 54 -24.81 -18.21 -13.20
C ASN A 54 -23.28 -18.33 -13.29
N GLU A 55 -22.55 -18.32 -12.15
CA GLU A 55 -21.13 -18.57 -12.12
C GLU A 55 -20.85 -20.07 -12.31
N ASP A 56 -21.89 -20.94 -12.23
CA ASP A 56 -21.66 -22.38 -12.35
C ASP A 56 -21.02 -22.78 -13.69
N ILE A 57 -21.14 -21.92 -14.71
CA ILE A 57 -20.50 -22.20 -16.00
C ILE A 57 -18.98 -22.24 -15.87
N TYR A 58 -18.41 -21.54 -14.88
CA TYR A 58 -16.95 -21.54 -14.67
C TYR A 58 -16.49 -22.79 -13.90
N ASP A 59 -17.40 -23.45 -13.19
CA ASP A 59 -17.11 -24.66 -12.42
C ASP A 59 -17.39 -25.95 -13.16
N ASN A 60 -18.29 -25.93 -14.15
CA ASN A 60 -18.76 -27.14 -14.81
CA ASN A 60 -18.74 -27.15 -14.84
C ASN A 60 -18.07 -27.41 -16.16
N ILE A 61 -16.93 -26.76 -16.42
CA ILE A 61 -16.13 -27.02 -17.64
C ILE A 61 -15.85 -28.51 -17.63
N ASP A 62 -16.07 -29.20 -18.75
CA ASP A 62 -15.86 -30.65 -18.84
C ASP A 62 -14.36 -30.95 -18.82
N PRO A 63 -13.84 -31.63 -17.77
CA PRO A 63 -12.39 -31.86 -17.72
C PRO A 63 -11.88 -32.75 -18.82
N ASP A 64 -12.76 -33.57 -19.44
CA ASP A 64 -12.33 -34.47 -20.52
C ASP A 64 -12.01 -33.72 -21.81
N THR A 65 -12.42 -32.44 -21.90
CA THR A 65 -12.13 -31.58 -23.04
C THR A 65 -10.76 -30.92 -22.88
N ILE A 66 -10.06 -31.17 -21.75
CA ILE A 66 -8.76 -30.58 -21.46
C ILE A 66 -7.71 -31.69 -21.55
N SER A 67 -6.90 -31.70 -22.60
CA SER A 67 -5.84 -32.67 -22.78
C SER A 67 -4.84 -32.51 -21.64
N PHE A 68 -4.38 -33.62 -21.09
CA PHE A 68 -3.49 -33.61 -19.93
C PHE A 68 -2.09 -34.15 -20.25
N PRO A 69 -1.04 -33.48 -19.77
CA PRO A 69 -1.06 -32.24 -19.01
C PRO A 69 -1.27 -31.06 -19.94
N PRO A 70 -2.00 -30.05 -19.48
CA PRO A 70 -2.21 -28.88 -20.31
C PRO A 70 -0.91 -28.10 -20.52
N LYS A 71 -0.79 -27.39 -21.65
CA LYS A 71 0.43 -26.64 -21.99
C LYS A 71 0.82 -25.64 -20.89
N ILE A 72 -0.15 -25.01 -20.24
CA ILE A 72 0.15 -24.02 -19.20
C ILE A 72 0.75 -24.63 -17.93
N ALA A 73 0.62 -25.96 -17.75
CA ALA A 73 1.11 -26.63 -16.58
C ALA A 73 2.58 -27.01 -16.76
N THR A 74 3.48 -26.17 -16.30
CA THR A 74 4.89 -26.40 -16.42
C THR A 74 5.47 -26.81 -15.10
N THR A 75 6.73 -27.17 -15.15
CA THR A 75 7.44 -27.58 -13.95
C THR A 75 7.74 -26.42 -13.00
N ASP A 76 7.58 -25.15 -13.45
CA ASP A 76 7.75 -24.01 -12.54
CA ASP A 76 7.73 -23.98 -12.60
C ASP A 76 6.59 -23.93 -11.55
N LEU A 77 5.43 -24.53 -11.91
CA LEU A 77 4.20 -24.48 -11.12
C LEU A 77 3.81 -25.78 -10.45
N PHE A 78 4.18 -26.92 -11.07
CA PHE A 78 3.80 -28.25 -10.60
C PHE A 78 4.98 -29.14 -10.40
N LEU A 79 4.84 -30.05 -9.43
CA LEU A 79 5.83 -31.04 -9.08
C LEU A 79 5.65 -32.31 -9.90
N PRO A 80 6.65 -33.21 -9.88
CA PRO A 80 6.52 -34.44 -10.68
C PRO A 80 5.24 -35.25 -10.42
N LEU A 81 4.72 -35.27 -9.17
CA LEU A 81 3.49 -36.00 -8.88
C LEU A 81 2.33 -35.59 -9.76
N PHE A 82 2.21 -34.28 -10.06
CA PHE A 82 1.11 -33.77 -10.86
C PHE A 82 1.10 -34.43 -12.24
N PHE A 83 2.28 -34.55 -12.83
CA PHE A 83 2.37 -35.09 -14.19
C PHE A 83 2.09 -36.60 -14.26
N HIS A 84 2.00 -37.27 -13.10
CA HIS A 84 1.67 -38.68 -13.11
CA HIS A 84 1.69 -38.69 -12.94
C HIS A 84 0.16 -38.92 -13.02
N PHE A 85 -0.69 -37.85 -12.91
CA PHE A 85 -2.13 -38.05 -13.06
C PHE A 85 -2.39 -38.48 -14.50
N GLY A 86 -3.41 -39.31 -14.69
CA GLY A 86 -3.72 -39.85 -16.01
C GLY A 86 -4.60 -39.00 -16.88
N SER A 87 -5.24 -37.99 -16.28
CA SER A 87 -6.19 -37.14 -16.97
C SER A 87 -6.47 -35.92 -16.11
N THR A 88 -7.06 -34.90 -16.74
CA THR A 88 -7.47 -33.70 -16.01
C THR A 88 -8.51 -34.07 -14.96
N ARG A 89 -9.45 -34.98 -15.31
CA ARG A 89 -10.48 -35.39 -14.37
C ARG A 89 -9.86 -36.02 -13.11
N GLN A 90 -8.82 -36.84 -13.26
CA GLN A 90 -8.20 -37.49 -12.12
C GLN A 90 -7.59 -36.44 -11.18
N PHE A 91 -6.91 -35.44 -11.75
CA PHE A 91 -6.32 -34.34 -10.97
C PHE A 91 -7.44 -33.57 -10.26
N MET A 92 -8.50 -33.22 -10.99
CA MET A 92 -9.60 -32.43 -10.40
C MET A 92 -10.28 -33.18 -9.25
N ASP A 93 -10.47 -34.49 -9.42
CA ASP A 93 -11.09 -35.28 -8.39
C ASP A 93 -10.19 -35.38 -7.14
N LYS A 94 -8.85 -35.47 -7.30
CA LYS A 94 -7.96 -35.45 -6.13
C LYS A 94 -8.00 -34.08 -5.45
N LEU A 95 -8.02 -33.01 -6.25
CA LEU A 95 -8.10 -31.64 -5.75
C LEU A 95 -9.35 -31.50 -4.89
N HIS A 96 -10.50 -32.00 -5.39
N HIS A 96 -10.51 -31.99 -5.39
CA HIS A 96 -11.75 -31.94 -4.61
CA HIS A 96 -11.78 -31.98 -4.64
C HIS A 96 -11.64 -32.68 -3.29
C HIS A 96 -11.62 -32.66 -3.29
N GLU A 97 -10.96 -33.82 -3.27
CA GLU A 97 -10.74 -34.60 -2.02
C GLU A 97 -9.90 -33.78 -1.01
N VAL A 98 -8.85 -33.10 -1.48
CA VAL A 98 -8.02 -32.26 -0.59
C VAL A 98 -8.79 -31.09 -0.02
N ILE A 99 -9.41 -30.28 -0.88
CA ILE A 99 -10.10 -29.07 -0.44
C ILE A 99 -11.41 -29.36 0.33
N SER A 100 -11.89 -30.61 0.31
CA SER A 100 -13.07 -31.01 1.09
C SER A 100 -12.70 -31.35 2.54
N GLY A 101 -11.39 -31.36 2.85
CA GLY A 101 -10.90 -31.65 4.18
C GLY A 101 -11.25 -30.56 5.18
N ASP A 102 -11.05 -30.87 6.45
CA ASP A 102 -11.35 -29.95 7.54
C ASP A 102 -10.18 -28.98 7.71
N TYR A 103 -10.41 -27.70 7.36
CA TYR A 103 -9.38 -26.65 7.54
C TYR A 103 -9.99 -25.51 8.33
N GLU A 104 -9.36 -25.13 9.43
CA GLU A 104 -9.80 -23.97 10.20
C GLU A 104 -9.27 -22.73 9.45
N PRO A 105 -9.81 -21.53 9.69
CA PRO A 105 -9.31 -20.34 8.98
C PRO A 105 -7.81 -20.09 9.07
N SER A 106 -7.17 -20.51 10.17
CA SER A 106 -5.74 -20.31 10.38
C SER A 106 -4.84 -21.38 9.75
N GLN A 107 -5.41 -22.37 9.03
CA GLN A 107 -4.63 -23.53 8.55
C GLN A 107 -4.25 -23.48 7.07
N ALA A 108 -3.95 -22.28 6.54
CA ALA A 108 -3.49 -22.18 5.15
C ALA A 108 -2.20 -23.00 4.95
N GLU A 109 -1.27 -23.02 5.95
CA GLU A 109 -0.04 -23.80 5.81
C GLU A 109 -0.28 -25.34 5.64
N LYS A 110 -1.22 -25.91 6.41
CA LYS A 110 -1.54 -27.33 6.29
C LYS A 110 -2.16 -27.62 4.89
N LEU A 111 -3.08 -26.75 4.46
CA LEU A 111 -3.72 -26.92 3.15
C LEU A 111 -2.64 -26.92 2.05
N VAL A 112 -1.75 -25.93 2.08
CA VAL A 112 -0.67 -25.79 1.10
C VAL A 112 0.21 -27.04 1.11
N GLN A 113 0.50 -27.60 2.30
CA GLN A 113 1.28 -28.84 2.36
C GLN A 113 0.55 -30.02 1.72
N ASP A 114 -0.75 -30.14 1.97
CA ASP A 114 -1.54 -31.23 1.41
C ASP A 114 -1.68 -31.08 -0.12
N LEU A 115 -1.80 -29.84 -0.62
CA LEU A 115 -1.88 -29.61 -2.07
C LEU A 115 -0.57 -29.99 -2.78
N CYS A 116 0.54 -29.84 -2.07
CA CYS A 116 1.85 -30.25 -2.55
C CYS A 116 1.96 -31.80 -2.56
N ASP A 117 1.67 -32.42 -1.42
CA ASP A 117 1.83 -33.86 -1.26
C ASP A 117 0.86 -34.72 -2.04
N GLU A 118 -0.39 -34.27 -2.19
CA GLU A 118 -1.43 -35.08 -2.83
C GLU A 118 -1.72 -34.76 -4.28
N THR A 119 -1.59 -33.47 -4.66
CA THR A 119 -1.88 -33.03 -6.03
C THR A 119 -0.67 -32.48 -6.78
N GLY A 120 0.50 -32.33 -6.16
CA GLY A 120 1.67 -31.88 -6.88
C GLY A 120 1.65 -30.42 -7.27
N ILE A 121 0.93 -29.60 -6.54
CA ILE A 121 0.93 -28.15 -6.77
C ILE A 121 2.02 -27.54 -5.90
N ARG A 122 2.94 -26.75 -6.49
CA ARG A 122 4.02 -26.14 -5.71
C ARG A 122 3.47 -25.19 -4.67
N LYS A 123 4.13 -25.14 -3.49
CA LYS A 123 3.62 -24.36 -2.36
C LYS A 123 3.49 -22.86 -2.64
N ASN A 124 4.45 -22.30 -3.36
CA ASN A 124 4.39 -20.88 -3.69
C ASN A 124 3.22 -20.59 -4.67
N PHE A 125 2.92 -21.53 -5.57
CA PHE A 125 1.77 -21.37 -6.45
C PHE A 125 0.46 -21.47 -5.69
N SER A 126 0.28 -22.51 -4.82
CA SER A 126 -0.92 -22.64 -4.00
CA SER A 126 -0.98 -22.60 -4.07
C SER A 126 -1.16 -21.37 -3.15
N THR A 127 -0.06 -20.82 -2.60
CA THR A 127 -0.16 -19.62 -1.76
C THR A 127 -0.64 -18.43 -2.60
N SER A 128 -0.09 -18.28 -3.81
CA SER A 128 -0.49 -17.20 -4.71
CA SER A 128 -0.49 -17.21 -4.73
C SER A 128 -1.96 -17.36 -5.12
N ILE A 129 -2.39 -18.60 -5.39
CA ILE A 129 -3.78 -18.84 -5.76
C ILE A 129 -4.68 -18.48 -4.59
N LEU A 130 -4.38 -18.98 -3.40
CA LEU A 130 -5.20 -18.71 -2.22
C LEU A 130 -5.37 -17.22 -2.02
N THR A 131 -4.30 -16.47 -2.24
CA THR A 131 -4.34 -15.01 -2.08
C THR A 131 -5.27 -14.36 -3.09
N CYS A 132 -5.18 -14.76 -4.35
CA CYS A 132 -6.03 -14.14 -5.35
C CYS A 132 -7.50 -14.60 -5.27
N LEU A 133 -7.78 -15.68 -4.51
CA LEU A 133 -9.15 -16.12 -4.25
C LEU A 133 -9.70 -15.51 -2.95
N SER A 134 -8.93 -14.63 -2.28
CA SER A 134 -9.33 -14.07 -0.98
C SER A 134 -9.62 -15.21 0.04
N GLY A 135 -8.87 -16.31 -0.09
CA GLY A 135 -8.99 -17.47 0.80
C GLY A 135 -10.22 -18.33 0.60
N ASP A 136 -10.98 -18.15 -0.48
CA ASP A 136 -12.22 -18.91 -0.70
C ASP A 136 -11.86 -20.22 -1.37
N LEU A 137 -11.77 -21.29 -0.57
CA LEU A 137 -11.35 -22.60 -1.09
C LEU A 137 -12.26 -23.16 -2.14
N MET A 138 -13.52 -22.78 -2.13
CA MET A 138 -14.50 -23.28 -3.09
C MET A 138 -14.21 -22.84 -4.52
N VAL A 139 -13.35 -21.81 -4.71
CA VAL A 139 -13.02 -21.29 -6.03
C VAL A 139 -11.70 -21.94 -6.56
N PHE A 140 -11.04 -22.82 -5.76
CA PHE A 140 -9.82 -23.52 -6.22
C PHE A 140 -10.02 -24.32 -7.49
N PRO A 141 -11.07 -25.18 -7.56
CA PRO A 141 -11.28 -25.95 -8.81
C PRO A 141 -11.51 -25.05 -10.02
N ARG A 142 -12.29 -23.98 -9.81
CA ARG A 142 -12.56 -23.02 -10.87
C ARG A 142 -11.26 -22.43 -11.41
N TYR A 143 -10.31 -22.14 -10.51
CA TYR A 143 -9.04 -21.58 -10.93
C TYR A 143 -8.36 -22.52 -11.91
N PHE A 144 -8.20 -23.78 -11.54
CA PHE A 144 -7.49 -24.71 -12.43
C PHE A 144 -8.24 -25.02 -13.71
N LEU A 145 -9.57 -25.21 -13.66
CA LEU A 145 -10.28 -25.51 -14.90
C LEU A 145 -10.12 -24.40 -15.90
N ASN A 146 -10.27 -23.13 -15.42
CA ASN A 146 -10.17 -21.99 -16.33
C ASN A 146 -8.73 -21.73 -16.78
N MET A 147 -7.77 -21.90 -15.89
CA MET A 147 -6.35 -21.78 -16.22
C MET A 147 -6.03 -22.77 -17.34
N PHE A 148 -6.43 -24.03 -17.15
CA PHE A 148 -6.15 -25.07 -18.12
C PHE A 148 -6.87 -24.88 -19.41
N LYS A 149 -8.15 -24.54 -19.37
CA LYS A 149 -8.91 -24.34 -20.61
C LYS A 149 -8.39 -23.15 -21.41
N ASP A 150 -8.15 -22.03 -20.74
CA ASP A 150 -7.73 -20.77 -21.36
C ASP A 150 -6.23 -20.75 -21.71
N ASN A 151 -5.40 -21.67 -21.15
CA ASN A 151 -3.95 -21.66 -21.33
C ASN A 151 -3.35 -20.31 -20.89
N VAL A 152 -3.82 -19.81 -19.74
CA VAL A 152 -3.41 -18.51 -19.22
C VAL A 152 -3.41 -18.61 -17.70
N ASN A 153 -2.40 -18.03 -17.06
CA ASN A 153 -2.28 -18.08 -15.61
C ASN A 153 -1.94 -16.68 -15.08
N PRO A 154 -2.78 -16.08 -14.24
CA PRO A 154 -4.08 -16.54 -13.81
C PRO A 154 -5.13 -16.36 -14.90
N PRO A 155 -6.26 -17.04 -14.77
CA PRO A 155 -7.37 -16.79 -15.70
C PRO A 155 -7.87 -15.35 -15.52
N PRO A 156 -7.93 -14.54 -16.60
CA PRO A 156 -8.14 -13.12 -16.41
C PRO A 156 -9.56 -12.63 -16.24
N ASN A 157 -10.58 -13.44 -16.59
CA ASN A 157 -11.96 -12.98 -16.59
C ASN A 157 -12.87 -13.98 -15.94
N VAL A 158 -12.54 -14.39 -14.72
CA VAL A 158 -13.33 -15.35 -13.97
C VAL A 158 -13.81 -14.79 -12.62
N PRO A 159 -15.13 -14.83 -12.38
CA PRO A 159 -15.64 -14.40 -11.05
C PRO A 159 -14.95 -15.15 -9.91
N GLY A 160 -14.53 -14.40 -8.90
CA GLY A 160 -13.84 -14.95 -7.74
C GLY A 160 -12.34 -15.00 -7.85
N ILE A 161 -11.77 -14.77 -9.04
CA ILE A 161 -10.32 -14.79 -9.23
C ILE A 161 -9.86 -13.38 -9.45
N TRP A 162 -9.23 -12.80 -8.42
CA TRP A 162 -8.79 -11.41 -8.47
C TRP A 162 -7.48 -11.26 -9.18
N THR A 163 -7.46 -10.52 -10.26
CA THR A 163 -6.23 -10.24 -10.98
C THR A 163 -5.57 -8.93 -10.48
N HIS A 164 -4.35 -8.68 -10.94
CA HIS A 164 -3.66 -7.43 -10.61
C HIS A 164 -4.50 -6.23 -11.07
N ASP A 165 -5.05 -6.30 -12.29
CA ASP A 165 -5.89 -5.23 -12.82
C ASP A 165 -7.14 -5.00 -11.97
N ASP A 166 -7.74 -6.09 -11.47
CA ASP A 166 -8.91 -5.98 -10.61
C ASP A 166 -8.54 -5.26 -9.31
N ASP A 167 -7.42 -5.60 -8.71
CA ASP A 167 -6.98 -4.94 -7.47
C ASP A 167 -6.69 -3.46 -7.69
N GLU A 168 -6.16 -3.10 -8.86
CA GLU A 168 -5.93 -1.70 -9.21
C GLU A 168 -7.26 -0.96 -9.39
N SER A 169 -8.26 -1.61 -10.02
CA SER A 169 -9.59 -1.02 -10.16
C SER A 169 -10.22 -0.78 -8.80
N LEU A 170 -10.02 -1.72 -7.87
CA LEU A 170 -10.59 -1.59 -6.53
C LEU A 170 -10.06 -0.35 -5.80
N LYS A 171 -8.78 -0.05 -5.93
CA LYS A 171 -8.20 1.10 -5.23
C LYS A 171 -8.33 2.40 -6.04
N SER A 172 -8.79 2.33 -7.28
CA SER A 172 -8.90 3.51 -8.12
C SER A 172 -9.90 4.60 -7.73
N ASN A 173 -10.91 4.37 -6.85
CA ASN A 173 -11.93 5.40 -6.53
C ASN A 173 -12.72 5.78 -7.82
N ASP A 174 -12.72 4.92 -8.92
CA ASP A 174 -13.44 5.29 -10.14
C ASP A 174 -14.76 4.52 -10.24
N GLN A 175 -15.90 5.25 -10.27
CA GLN A 175 -17.23 4.63 -10.35
C GLN A 175 -17.39 3.59 -11.48
N GLU A 176 -16.89 3.87 -12.71
CA GLU A 176 -16.98 2.95 -13.86
C GLU A 176 -16.18 1.66 -13.61
N GLN A 177 -14.95 1.79 -13.09
CA GLN A 177 -14.10 0.64 -12.80
C GLN A 177 -14.71 -0.23 -11.70
N ILE A 178 -15.30 0.41 -10.68
CA ILE A 178 -15.97 -0.30 -9.59
C ILE A 178 -17.24 -1.01 -10.11
N ARG A 179 -17.99 -0.37 -11.03
CA ARG A 179 -19.18 -0.99 -11.62
C ARG A 179 -18.77 -2.29 -12.34
N LYS A 180 -17.72 -2.24 -13.17
CA LYS A 180 -17.25 -3.43 -13.90
C LYS A 180 -16.72 -4.49 -12.97
N LEU A 181 -16.00 -4.04 -11.94
CA LEU A 181 -15.43 -4.91 -10.95
C LEU A 181 -16.51 -5.61 -10.15
N VAL A 182 -17.58 -4.89 -9.75
CA VAL A 182 -18.64 -5.52 -8.97
C VAL A 182 -19.50 -6.43 -9.89
N LYS A 183 -19.60 -6.12 -11.19
CA LYS A 183 -20.30 -7.01 -12.13
C LYS A 183 -19.55 -8.36 -12.24
N LYS A 184 -18.21 -8.31 -12.20
CA LYS A 184 -17.40 -9.50 -12.25
C LYS A 184 -17.48 -10.36 -10.99
N HIS A 185 -17.18 -9.74 -9.84
CA HIS A 185 -17.05 -10.46 -8.58
C HIS A 185 -18.23 -10.38 -7.62
N GLY A 186 -19.05 -9.35 -7.74
CA GLY A 186 -20.15 -9.07 -6.84
C GLY A 186 -19.76 -8.22 -5.65
N THR A 187 -20.78 -7.69 -4.97
CA THR A 187 -20.56 -6.82 -3.83
C THR A 187 -19.89 -7.50 -2.68
N GLY A 188 -20.34 -8.70 -2.35
CA GLY A 188 -19.79 -9.42 -1.21
C GLY A 188 -18.30 -9.65 -1.33
N ARG A 189 -17.88 -10.11 -2.52
CA ARG A 189 -16.45 -10.34 -2.75
C ARG A 189 -15.67 -9.03 -2.74
N MET A 190 -16.23 -7.98 -3.34
CA MET A 190 -15.56 -6.69 -3.34
C MET A 190 -15.34 -6.19 -1.90
N GLU A 191 -16.35 -6.31 -1.04
CA GLU A 191 -16.22 -5.87 0.36
C GLU A 191 -15.16 -6.70 1.11
N MET A 192 -15.11 -8.01 0.85
CA MET A 192 -14.09 -8.85 1.48
C MET A 192 -12.70 -8.43 0.99
N ARG A 193 -12.56 -8.15 -0.32
CA ARG A 193 -11.26 -7.74 -0.88
C ARG A 193 -10.79 -6.40 -0.25
N LYS A 194 -11.72 -5.47 -0.07
CA LYS A 194 -11.41 -4.19 0.59
C LYS A 194 -10.95 -4.42 2.02
N ARG A 195 -11.59 -5.38 2.72
CA ARG A 195 -11.18 -5.68 4.11
C ARG A 195 -9.76 -6.25 4.13
N PHE A 196 -9.41 -7.12 3.15
CA PHE A 196 -8.04 -7.68 3.04
C PHE A 196 -7.03 -6.54 2.90
N PHE A 197 -7.30 -5.60 1.99
CA PHE A 197 -6.40 -4.43 1.81
C PHE A 197 -6.31 -3.58 3.07
N GLU A 198 -7.45 -3.34 3.74
CA GLU A 198 -7.49 -2.53 4.97
C GLU A 198 -6.63 -3.15 6.10
N LYS A 199 -6.63 -4.48 6.17
CA LYS A 199 -5.91 -5.25 7.20
C LYS A 199 -4.44 -5.52 6.80
N ASP A 200 -4.00 -5.03 5.64
CA ASP A 200 -2.64 -5.20 5.14
C ASP A 200 -2.29 -6.66 4.90
N LEU A 201 -3.27 -7.42 4.34
CA LEU A 201 -3.10 -8.82 3.98
C LEU A 201 -2.67 -8.95 2.51
N LEU A 202 -2.71 -7.86 1.69
CA LEU A 202 -2.36 -7.96 0.27
C LEU A 202 -1.15 -7.08 -0.16
N ASP B 51 34.15 -12.85 13.61
CA ASP B 51 33.53 -11.84 14.48
C ASP B 51 33.43 -10.49 13.75
N PHE B 52 34.57 -9.99 13.23
CA PHE B 52 34.55 -8.74 12.48
C PHE B 52 34.07 -8.98 11.05
N SER B 53 33.41 -7.98 10.49
CA SER B 53 32.94 -7.99 9.13
C SER B 53 32.95 -6.58 8.59
N ASN B 54 33.36 -6.43 7.33
CA ASN B 54 33.30 -5.12 6.68
C ASN B 54 31.86 -4.71 6.32
N GLU B 55 30.87 -5.59 6.53
CA GLU B 55 29.46 -5.24 6.37
C GLU B 55 28.99 -4.36 7.53
N ASP B 56 29.80 -4.21 8.62
CA ASP B 56 29.34 -3.42 9.76
C ASP B 56 29.07 -1.96 9.39
N ILE B 57 29.63 -1.46 8.27
CA ILE B 57 29.35 -0.10 7.82
C ILE B 57 27.87 0.09 7.47
N TYR B 58 27.18 -1.00 7.10
CA TYR B 58 25.74 -0.92 6.77
C TYR B 58 24.87 -0.94 8.02
N ASP B 59 25.41 -1.43 9.14
CA ASP B 59 24.70 -1.48 10.42
C ASP B 59 24.96 -0.28 11.34
N ASN B 60 26.08 0.40 11.16
CA ASN B 60 26.53 1.49 12.05
CA ASN B 60 26.48 1.48 12.09
C ASN B 60 26.19 2.88 11.57
N ILE B 61 25.27 3.01 10.59
CA ILE B 61 24.81 4.31 10.11
C ILE B 61 24.26 5.04 11.35
N ASP B 62 24.64 6.30 11.56
CA ASP B 62 24.22 7.04 12.74
C ASP B 62 22.76 7.42 12.62
N PRO B 63 21.85 6.88 13.46
CA PRO B 63 20.42 7.22 13.30
C PRO B 63 20.10 8.68 13.57
N ASP B 64 20.98 9.38 14.32
CA ASP B 64 20.74 10.80 14.63
C ASP B 64 20.92 11.68 13.42
N THR B 65 21.55 11.17 12.36
CA THR B 65 21.75 11.88 11.10
C THR B 65 20.51 11.73 10.19
N ILE B 66 19.49 10.97 10.63
CA ILE B 66 18.32 10.70 9.82
C ILE B 66 17.14 11.43 10.44
N SER B 67 16.68 12.52 9.81
CA SER B 67 15.54 13.31 10.28
C SER B 67 14.30 12.41 10.27
N PHE B 68 13.48 12.51 11.30
CA PHE B 68 12.33 11.66 11.49
C PHE B 68 11.01 12.41 11.42
N PRO B 69 10.02 11.88 10.69
CA PRO B 69 10.05 10.65 9.91
C PRO B 69 10.76 10.89 8.59
N PRO B 70 11.46 9.88 8.09
CA PRO B 70 12.11 10.02 6.80
C PRO B 70 11.11 10.09 5.63
N LYS B 71 11.46 10.79 4.54
CA LYS B 71 10.57 10.96 3.38
C LYS B 71 10.07 9.63 2.82
N ILE B 72 10.92 8.60 2.82
CA ILE B 72 10.54 7.29 2.29
C ILE B 72 9.51 6.56 3.16
N ALA B 73 9.38 6.94 4.44
CA ALA B 73 8.46 6.26 5.36
C ALA B 73 7.06 6.79 5.25
N THR B 74 6.28 6.24 4.32
CA THR B 74 4.94 6.69 4.05
C THR B 74 3.87 5.93 4.80
N THR B 75 2.63 6.45 4.78
CA THR B 75 1.53 5.77 5.42
C THR B 75 1.12 4.48 4.72
N ASP B 76 1.58 4.21 3.47
CA ASP B 76 1.27 2.91 2.87
CA ASP B 76 1.28 2.93 2.85
C ASP B 76 2.18 1.83 3.40
N LEU B 77 3.29 2.19 4.09
CA LEU B 77 4.24 1.24 4.67
C LEU B 77 4.19 1.15 6.19
N PHE B 78 3.81 2.27 6.86
CA PHE B 78 3.82 2.37 8.30
C PHE B 78 2.50 2.82 8.84
N LEU B 79 2.19 2.34 10.03
CA LEU B 79 0.97 2.64 10.77
C LEU B 79 1.14 3.89 11.59
N PRO B 80 0.01 4.47 12.11
CA PRO B 80 0.13 5.70 12.88
C PRO B 80 1.12 5.60 14.06
N LEU B 81 1.25 4.42 14.72
CA LEU B 81 2.17 4.28 15.85
C LEU B 81 3.60 4.66 15.46
N PHE B 82 4.04 4.31 14.25
CA PHE B 82 5.40 4.58 13.81
C PHE B 82 5.68 6.09 13.85
N PHE B 83 4.72 6.89 13.40
CA PHE B 83 4.92 8.32 13.31
C PHE B 83 4.94 9.02 14.69
N HIS B 84 4.56 8.28 15.76
CA HIS B 84 4.64 8.79 17.12
C HIS B 84 6.00 8.59 17.76
N PHE B 85 6.93 7.85 17.11
CA PHE B 85 8.29 7.79 17.64
C PHE B 85 8.87 9.20 17.57
N GLY B 86 9.74 9.53 18.53
CA GLY B 86 10.33 10.86 18.61
C GLY B 86 11.58 11.09 17.80
N SER B 87 12.18 10.02 17.27
CA SER B 87 13.40 10.08 16.51
C SER B 87 13.62 8.76 15.82
N THR B 88 14.54 8.73 14.86
CA THR B 88 14.94 7.49 14.18
C THR B 88 15.52 6.54 15.20
N ARG B 89 16.36 7.04 16.11
CA ARG B 89 16.97 6.16 17.10
C ARG B 89 15.90 5.48 17.97
N GLN B 90 14.84 6.17 18.34
CA GLN B 90 13.81 5.57 19.19
C GLN B 90 13.13 4.41 18.45
N PHE B 91 12.84 4.60 17.17
CA PHE B 91 12.29 3.53 16.34
C PHE B 91 13.29 2.35 16.29
N MET B 92 14.56 2.63 16.04
CA MET B 92 15.58 1.57 15.99
C MET B 92 15.71 0.85 17.33
N ASP B 93 15.65 1.57 18.45
CA ASP B 93 15.71 0.93 19.77
C ASP B 93 14.57 -0.07 19.94
N LYS B 94 13.39 0.34 19.52
CA LYS B 94 12.25 -0.54 19.66
C LYS B 94 12.36 -1.74 18.72
N LEU B 95 12.82 -1.52 17.50
CA LEU B 95 13.02 -2.58 16.52
C LEU B 95 13.98 -3.63 17.09
N HIS B 96 15.09 -3.17 17.69
CA HIS B 96 16.04 -4.09 18.34
C HIS B 96 15.41 -4.91 19.44
N GLU B 97 14.55 -4.32 20.24
CA GLU B 97 13.85 -5.03 21.31
C GLU B 97 12.97 -6.14 20.72
N VAL B 98 12.26 -5.83 19.64
CA VAL B 98 11.38 -6.82 19.03
C VAL B 98 12.17 -7.99 18.46
N ILE B 99 13.15 -7.71 17.61
CA ILE B 99 13.90 -8.78 16.93
C ILE B 99 14.82 -9.55 17.87
N SER B 100 15.06 -9.04 19.11
CA SER B 100 15.86 -9.75 20.12
C SER B 100 15.03 -10.80 20.87
N GLY B 101 13.72 -10.83 20.60
CA GLY B 101 12.82 -11.78 21.24
C GLY B 101 13.05 -13.21 20.79
N ASP B 102 12.43 -14.13 21.51
CA ASP B 102 12.54 -15.56 21.22
C ASP B 102 11.57 -15.92 20.11
N TYR B 103 12.09 -16.25 18.92
CA TYR B 103 11.26 -16.68 17.78
C TYR B 103 11.78 -18.01 17.29
N GLU B 104 10.92 -19.01 17.21
CA GLU B 104 11.31 -20.30 16.62
C GLU B 104 11.26 -20.10 15.10
N PRO B 105 11.92 -20.96 14.30
CA PRO B 105 11.87 -20.78 12.83
C PRO B 105 10.49 -20.70 12.21
N SER B 106 9.47 -21.34 12.83
CA SER B 106 8.10 -21.34 12.32
C SER B 106 7.27 -20.12 12.74
N GLN B 107 7.84 -19.15 13.49
CA GLN B 107 7.05 -18.06 14.07
C GLN B 107 7.14 -16.72 13.34
N ALA B 108 7.21 -16.74 11.99
CA ALA B 108 7.18 -15.50 11.22
C ALA B 108 5.88 -14.72 11.49
N GLU B 109 4.73 -15.40 11.65
CA GLU B 109 3.46 -14.70 11.94
C GLU B 109 3.49 -13.91 13.26
N LYS B 110 4.03 -14.49 14.34
CA LYS B 110 4.13 -13.80 15.62
C LYS B 110 5.08 -12.57 15.49
N LEU B 111 6.20 -12.76 14.81
CA LEU B 111 7.16 -11.67 14.62
C LEU B 111 6.48 -10.50 13.91
N VAL B 112 5.79 -10.81 12.78
CA VAL B 112 5.08 -9.81 11.97
C VAL B 112 4.03 -9.09 12.82
N GLN B 113 3.32 -9.84 13.70
CA GLN B 113 2.35 -9.19 14.58
C GLN B 113 3.03 -8.25 15.57
N ASP B 114 4.16 -8.65 16.14
CA ASP B 114 4.89 -7.82 17.08
C ASP B 114 5.49 -6.59 16.41
N LEU B 115 5.94 -6.72 15.16
CA LEU B 115 6.48 -5.56 14.39
C LEU B 115 5.38 -4.54 14.09
N CYS B 116 4.16 -5.01 13.95
CA CYS B 116 2.98 -4.16 13.75
C CYS B 116 2.62 -3.44 15.06
N ASP B 117 2.47 -4.21 16.14
CA ASP B 117 2.03 -3.68 17.43
C ASP B 117 3.00 -2.79 18.14
N GLU B 118 4.32 -3.09 18.04
CA GLU B 118 5.33 -2.37 18.78
C GLU B 118 6.07 -1.31 18.00
N THR B 119 6.28 -1.53 16.69
CA THR B 119 7.02 -0.60 15.85
C THR B 119 6.18 0.06 14.75
N GLY B 120 4.92 -0.33 14.53
CA GLY B 120 4.10 0.33 13.54
C GLY B 120 4.50 0.02 12.11
N ILE B 121 5.12 -1.13 11.86
CA ILE B 121 5.43 -1.56 10.50
C ILE B 121 4.24 -2.39 9.99
N ARG B 122 3.71 -2.04 8.83
CA ARG B 122 2.55 -2.80 8.28
C ARG B 122 2.94 -4.24 7.99
N LYS B 123 2.00 -5.18 8.24
CA LYS B 123 2.28 -6.61 8.13
C LYS B 123 2.74 -7.04 6.75
N ASN B 124 2.16 -6.49 5.70
CA ASN B 124 2.57 -6.84 4.34
C ASN B 124 3.99 -6.36 4.05
N PHE B 125 4.37 -5.19 4.60
CA PHE B 125 5.75 -4.71 4.45
C PHE B 125 6.74 -5.57 5.21
N SER B 126 6.46 -5.90 6.50
CA SER B 126 7.34 -6.79 7.26
C SER B 126 7.53 -8.15 6.59
N THR B 127 6.43 -8.67 6.02
CA THR B 127 6.49 -9.96 5.32
C THR B 127 7.41 -9.86 4.09
N SER B 128 7.27 -8.76 3.32
CA SER B 128 8.12 -8.55 2.14
CA SER B 128 8.12 -8.53 2.15
C SER B 128 9.59 -8.39 2.55
N ILE B 129 9.84 -7.67 3.64
CA ILE B 129 11.21 -7.50 4.12
C ILE B 129 11.79 -8.85 4.53
N LEU B 130 11.06 -9.59 5.36
CA LEU B 130 11.53 -10.91 5.82
C LEU B 130 11.90 -11.79 4.65
N THR B 131 11.10 -11.75 3.59
CA THR B 131 11.34 -12.56 2.39
C THR B 131 12.65 -12.13 1.71
N CYS B 132 12.88 -10.83 1.54
CA CYS B 132 14.10 -10.41 0.87
C CYS B 132 15.35 -10.55 1.72
N LEU B 133 15.19 -10.78 3.05
CA LEU B 133 16.31 -11.04 3.93
C LEU B 133 16.55 -12.55 4.07
N SER B 134 15.79 -13.39 3.35
CA SER B 134 15.89 -14.85 3.48
C SER B 134 15.66 -15.27 4.95
N GLY B 135 14.80 -14.53 5.65
CA GLY B 135 14.46 -14.81 7.05
C GLY B 135 15.50 -14.49 8.08
N ASP B 136 16.56 -13.75 7.72
CA ASP B 136 17.66 -13.44 8.65
C ASP B 136 17.27 -12.19 9.44
N LEU B 137 16.77 -12.39 10.67
CA LEU B 137 16.30 -11.27 11.50
C LEU B 137 17.35 -10.24 11.82
N MET B 138 18.61 -10.65 11.84
CA MET B 138 19.72 -9.76 12.18
C MET B 138 19.93 -8.66 11.13
N VAL B 139 19.39 -8.82 9.90
CA VAL B 139 19.55 -7.82 8.85
C VAL B 139 18.36 -6.80 8.87
N PHE B 140 17.34 -6.99 9.72
CA PHE B 140 16.22 -6.01 9.81
C PHE B 140 16.69 -4.61 10.07
N PRO B 141 17.53 -4.37 11.10
CA PRO B 141 17.95 -2.99 11.36
C PRO B 141 18.66 -2.39 10.17
N ARG B 142 19.54 -3.19 9.52
CA ARG B 142 20.25 -2.76 8.34
C ARG B 142 19.29 -2.32 7.24
N TYR B 143 18.19 -3.06 7.07
CA TYR B 143 17.20 -2.73 6.04
C TYR B 143 16.68 -1.32 6.29
N PHE B 144 16.19 -1.05 7.49
CA PHE B 144 15.63 0.29 7.75
C PHE B 144 16.63 1.41 7.74
N LEU B 145 17.84 1.20 8.32
CA LEU B 145 18.81 2.30 8.30
C LEU B 145 19.15 2.69 6.86
N ASN B 146 19.38 1.69 5.98
CA ASN B 146 19.74 1.97 4.61
C ASN B 146 18.56 2.52 3.80
N MET B 147 17.37 2.00 4.03
CA MET B 147 16.15 2.52 3.37
C MET B 147 16.00 4.00 3.73
N PHE B 148 16.12 4.31 5.01
CA PHE B 148 15.92 5.68 5.47
C PHE B 148 17.00 6.62 5.02
N LYS B 149 18.24 6.19 5.11
CA LYS B 149 19.37 7.03 4.71
C LYS B 149 19.35 7.31 3.21
N ASP B 150 19.13 6.27 2.39
CA ASP B 150 19.15 6.36 0.93
C ASP B 150 17.85 6.89 0.34
N ASN B 151 16.75 6.94 1.12
CA ASN B 151 15.45 7.36 0.60
C ASN B 151 15.02 6.47 -0.57
N VAL B 152 15.20 5.16 -0.43
CA VAL B 152 14.91 4.19 -1.47
C VAL B 152 14.43 2.92 -0.79
N ASN B 153 13.42 2.27 -1.35
CA ASN B 153 12.86 1.05 -0.80
C ASN B 153 12.61 0.02 -1.90
N PRO B 154 13.27 -1.14 -1.88
CA PRO B 154 14.29 -1.57 -0.92
C PRO B 154 15.61 -0.89 -1.21
N PRO B 155 16.53 -0.91 -0.23
CA PRO B 155 17.88 -0.42 -0.50
C PRO B 155 18.55 -1.34 -1.55
N PRO B 156 19.05 -0.78 -2.67
CA PRO B 156 19.46 -1.63 -3.78
C PRO B 156 20.84 -2.25 -3.77
N ASN B 157 21.74 -1.78 -2.89
CA ASN B 157 23.12 -2.25 -2.89
C ASN B 157 23.61 -2.52 -1.48
N VAL B 158 22.88 -3.34 -0.74
CA VAL B 158 23.23 -3.69 0.64
C VAL B 158 23.38 -5.20 0.82
N PRO B 159 24.55 -5.64 1.32
CA PRO B 159 24.71 -7.08 1.64
C PRO B 159 23.61 -7.62 2.54
N GLY B 160 23.04 -8.76 2.17
CA GLY B 160 21.97 -9.39 2.91
C GLY B 160 20.58 -9.00 2.49
N ILE B 161 20.44 -7.97 1.64
CA ILE B 161 19.13 -7.52 1.18
C ILE B 161 19.01 -7.88 -0.28
N TRP B 162 18.24 -8.95 -0.56
CA TRP B 162 18.08 -9.44 -1.92
C TRP B 162 17.08 -8.64 -2.72
N THR B 163 17.52 -8.05 -3.81
CA THR B 163 16.61 -7.31 -4.70
C THR B 163 16.09 -8.22 -5.82
N HIS B 164 15.14 -7.70 -6.58
CA HIS B 164 14.60 -8.44 -7.74
C HIS B 164 15.73 -8.73 -8.71
N ASP B 165 16.59 -7.74 -8.98
CA ASP B 165 17.73 -7.92 -9.88
C ASP B 165 18.68 -8.99 -9.39
N ASP B 166 18.92 -9.05 -8.07
CA ASP B 166 19.78 -10.07 -7.50
C ASP B 166 19.20 -11.46 -7.74
N ASP B 167 17.88 -11.62 -7.52
CA ASP B 167 17.24 -12.91 -7.73
C ASP B 167 17.29 -13.33 -9.20
N GLU B 168 17.19 -12.38 -10.12
CA GLU B 168 17.32 -12.66 -11.56
C GLU B 168 18.75 -13.07 -11.90
N SER B 169 19.77 -12.41 -11.29
CA SER B 169 21.17 -12.80 -11.48
C SER B 169 21.40 -14.22 -10.99
N LEU B 170 20.79 -14.57 -9.86
CA LEU B 170 20.95 -15.91 -9.28
C LEU B 170 20.43 -16.97 -10.24
N LYS B 171 19.22 -16.71 -10.76
CA LYS B 171 18.54 -17.58 -11.75
C LYS B 171 19.26 -17.66 -13.11
N SER B 172 20.05 -16.62 -13.51
CA SER B 172 20.75 -16.50 -14.81
C SER B 172 21.89 -17.55 -14.88
N ASN B 173 22.55 -17.71 -13.73
N ASN B 173 22.56 -17.79 -13.74
CA ASN B 173 23.74 -18.52 -13.50
CA ASN B 173 23.73 -18.69 -13.62
C ASN B 173 24.91 -18.18 -14.47
C ASN B 173 24.93 -18.22 -14.51
N ASP B 174 24.92 -16.96 -14.97
CA ASP B 174 25.96 -16.30 -15.78
C ASP B 174 27.13 -16.05 -14.83
N GLN B 175 28.35 -16.47 -15.21
CA GLN B 175 29.56 -16.37 -14.35
C GLN B 175 29.77 -14.98 -13.78
N GLU B 176 29.69 -13.93 -14.62
CA GLU B 176 29.90 -12.53 -14.22
C GLU B 176 28.84 -12.06 -13.21
N GLN B 177 27.56 -12.38 -13.48
CA GLN B 177 26.46 -11.97 -12.60
C GLN B 177 26.57 -12.67 -11.24
N ILE B 178 26.98 -13.93 -11.23
CA ILE B 178 27.18 -14.70 -10.00
C ILE B 178 28.40 -14.16 -9.23
N ARG B 179 29.48 -13.76 -9.93
CA ARG B 179 30.66 -13.17 -9.27
C ARG B 179 30.24 -11.90 -8.53
N LYS B 180 29.47 -11.01 -9.18
CA LYS B 180 29.01 -9.78 -8.54
C LYS B 180 28.06 -10.09 -7.39
N LEU B 181 27.21 -11.15 -7.53
CA LEU B 181 26.27 -11.54 -6.49
C LEU B 181 26.94 -12.04 -5.22
N VAL B 182 27.95 -12.90 -5.37
CA VAL B 182 28.66 -13.39 -4.19
C VAL B 182 29.53 -12.31 -3.62
N LYS B 183 30.03 -11.36 -4.44
CA LYS B 183 30.79 -10.24 -3.87
C LYS B 183 29.86 -9.41 -2.94
N LYS B 184 28.59 -9.29 -3.33
CA LYS B 184 27.60 -8.56 -2.56
C LYS B 184 27.17 -9.29 -1.31
N HIS B 185 26.68 -10.52 -1.48
CA HIS B 185 26.06 -11.28 -0.40
C HIS B 185 26.90 -12.36 0.25
N GLY B 186 27.91 -12.85 -0.44
CA GLY B 186 28.69 -13.99 -0.02
C GLY B 186 28.11 -15.32 -0.48
N THR B 187 28.98 -16.33 -0.46
CA THR B 187 28.61 -17.66 -0.85
C THR B 187 27.55 -18.27 0.02
N GLY B 188 27.69 -18.11 1.34
CA GLY B 188 26.74 -18.68 2.28
C GLY B 188 25.33 -18.20 2.06
N ARG B 189 25.15 -16.89 1.86
CA ARG B 189 23.83 -16.33 1.61
C ARG B 189 23.29 -16.79 0.24
N MET B 190 24.19 -16.85 -0.76
CA MET B 190 23.77 -17.29 -2.10
C MET B 190 23.25 -18.72 -2.03
N GLU B 191 23.94 -19.60 -1.30
CA GLU B 191 23.52 -20.99 -1.17
C GLU B 191 22.17 -21.08 -0.45
N MET B 192 21.96 -20.27 0.59
CA MET B 192 20.67 -20.24 1.28
C MET B 192 19.57 -19.75 0.36
N ARG B 193 19.85 -18.73 -0.48
CA ARG B 193 18.86 -18.19 -1.43
C ARG B 193 18.48 -19.27 -2.47
N LYS B 194 19.48 -20.00 -2.99
CA LYS B 194 19.21 -21.10 -3.94
C LYS B 194 18.33 -22.17 -3.28
N ARG B 195 18.56 -22.46 -1.99
CA ARG B 195 17.75 -23.44 -1.26
C ARG B 195 16.31 -22.95 -1.12
N PHE B 196 16.12 -21.67 -0.84
CA PHE B 196 14.79 -21.01 -0.77
C PHE B 196 14.04 -21.24 -2.10
N PHE B 197 14.71 -20.97 -3.20
CA PHE B 197 14.09 -21.19 -4.53
C PHE B 197 13.75 -22.65 -4.74
N GLU B 198 14.68 -23.55 -4.40
CA GLU B 198 14.49 -24.99 -4.59
C GLU B 198 13.28 -25.54 -3.79
N LYS B 199 13.06 -24.98 -2.59
CA LYS B 199 11.97 -25.36 -1.68
C LYS B 199 10.64 -24.63 -2.00
N ASP B 200 10.60 -23.81 -3.05
CA ASP B 200 9.40 -23.08 -3.46
C ASP B 200 8.94 -22.10 -2.41
N LEU B 201 9.90 -21.43 -1.74
CA LEU B 201 9.63 -20.40 -0.74
C LEU B 201 9.60 -19.01 -1.41
N LEU B 202 10.05 -18.85 -2.71
CA LEU B 202 10.08 -17.53 -3.38
C LEU B 202 9.22 -17.44 -4.66
N ASP C 51 12.69 31.60 -1.75
CA ASP C 51 12.58 30.19 -1.40
C ASP C 51 12.11 30.05 0.04
N PHE C 52 12.82 30.67 1.00
CA PHE C 52 12.40 30.62 2.40
C PHE C 52 11.30 31.63 2.67
N SER C 53 10.41 31.28 3.58
CA SER C 53 9.33 32.14 4.01
C SER C 53 8.99 31.79 5.45
N ASN C 54 8.73 32.82 6.26
CA ASN C 54 8.29 32.59 7.64
C ASN C 54 6.84 32.09 7.71
N GLU C 55 6.13 31.98 6.58
CA GLU C 55 4.81 31.37 6.54
C GLU C 55 4.92 29.85 6.63
N ASP C 56 6.14 29.28 6.51
CA ASP C 56 6.29 27.83 6.56
C ASP C 56 5.79 27.22 7.87
N ILE C 57 5.70 28.02 8.94
CA ILE C 57 5.18 27.53 10.21
C ILE C 57 3.71 27.11 10.10
N TYR C 58 2.98 27.67 9.14
CA TYR C 58 1.57 27.32 8.93
C TYR C 58 1.43 26.03 8.11
N ASP C 59 2.46 25.67 7.35
CA ASP C 59 2.48 24.46 6.53
C ASP C 59 3.09 23.25 7.21
N ASN C 60 3.96 23.46 8.20
CA ASN C 60 4.74 22.39 8.84
CA ASN C 60 4.71 22.36 8.81
C ASN C 60 4.15 21.89 10.16
N ILE C 61 2.89 22.19 10.44
CA ILE C 61 2.20 21.70 11.64
C ILE C 61 2.30 20.16 11.56
N ASP C 62 2.69 19.51 12.65
CA ASP C 62 2.88 18.06 12.68
C ASP C 62 1.51 17.38 12.63
N PRO C 63 1.17 16.66 11.55
CA PRO C 63 -0.17 16.05 11.49
C PRO C 63 -0.41 14.97 12.54
N ASP C 64 0.64 14.40 13.10
CA ASP C 64 0.49 13.35 14.12
C ASP C 64 0.00 13.91 15.45
N THR C 65 0.07 15.25 15.63
CA THR C 65 -0.42 15.94 16.81
C THR C 65 -1.91 16.22 16.70
N ILE C 66 -2.54 15.87 15.54
CA ILE C 66 -3.95 16.12 15.29
C ILE C 66 -4.69 14.79 15.31
N SER C 67 -5.44 14.52 16.38
CA SER C 67 -6.22 13.30 16.50
C SER C 67 -7.26 13.26 15.37
N PHE C 68 -7.43 12.09 14.76
CA PHE C 68 -8.30 11.92 13.60
C PHE C 68 -9.52 11.04 13.89
N PRO C 69 -10.71 11.45 13.45
CA PRO C 69 -11.02 12.71 12.76
C PRO C 69 -11.09 13.86 13.74
N PRO C 70 -10.70 15.06 13.29
CA PRO C 70 -10.76 16.21 14.18
C PRO C 70 -12.21 16.61 14.45
N LYS C 71 -12.47 17.21 15.62
CA LYS C 71 -13.82 17.64 16.01
C LYS C 71 -14.48 18.57 14.98
N ILE C 72 -13.70 19.44 14.37
CA ILE C 72 -14.24 20.39 13.39
C ILE C 72 -14.68 19.70 12.08
N ALA C 73 -14.19 18.47 11.83
CA ALA C 73 -14.47 17.76 10.57
C ALA C 73 -15.78 17.03 10.69
N THR C 74 -16.88 17.70 10.38
CA THR C 74 -18.21 17.18 10.51
C THR C 74 -18.72 16.61 9.19
N THR C 75 -19.83 15.84 9.27
CA THR C 75 -20.44 15.25 8.06
C THR C 75 -21.08 16.28 7.15
N ASP C 76 -21.28 17.54 7.60
CA ASP C 76 -21.77 18.55 6.66
C ASP C 76 -20.67 19.08 5.76
N LEU C 77 -19.39 18.82 6.11
CA LEU C 77 -18.22 19.26 5.33
C LEU C 77 -17.51 18.13 4.58
N PHE C 78 -17.56 16.91 5.14
CA PHE C 78 -16.84 15.75 4.61
C PHE C 78 -17.75 14.59 4.37
N LEU C 79 -17.39 13.80 3.36
CA LEU C 79 -18.11 12.60 2.94
C LEU C 79 -17.61 11.40 3.70
N PRO C 80 -18.36 10.26 3.63
CA PRO C 80 -17.92 9.08 4.36
C PRO C 80 -16.47 8.64 4.06
N LEU C 81 -15.98 8.81 2.80
CA LEU C 81 -14.62 8.42 2.45
C LEU C 81 -13.57 9.08 3.36
N PHE C 82 -13.78 10.35 3.73
CA PHE C 82 -12.83 11.09 4.56
C PHE C 82 -12.63 10.39 5.89
N PHE C 83 -13.73 9.94 6.48
CA PHE C 83 -13.66 9.31 7.81
C PHE C 83 -12.99 7.94 7.80
N HIS C 84 -12.76 7.37 6.61
CA HIS C 84 -12.05 6.11 6.47
C HIS C 84 -10.54 6.27 6.41
N PHE C 85 -10.00 7.50 6.35
CA PHE C 85 -8.55 7.68 6.50
C PHE C 85 -8.17 7.26 7.90
N GLY C 86 -6.96 6.71 8.05
CA GLY C 86 -6.52 6.20 9.33
C GLY C 86 -5.85 7.19 10.25
N SER C 87 -5.53 8.36 9.71
CA SER C 87 -4.80 9.39 10.45
C SER C 87 -4.86 10.69 9.67
N THR C 88 -4.54 11.78 10.35
CA THR C 88 -4.47 13.08 9.68
C THR C 88 -3.39 13.05 8.61
N ARG C 89 -2.24 12.42 8.91
CA ARG C 89 -1.16 12.33 7.94
C ARG C 89 -1.63 11.64 6.65
N GLN C 90 -2.40 10.57 6.76
CA GLN C 90 -2.85 9.84 5.58
C GLN C 90 -3.72 10.74 4.71
N PHE C 91 -4.65 11.48 5.33
CA PHE C 91 -5.48 12.44 4.60
C PHE C 91 -4.62 13.49 3.92
N MET C 92 -3.67 14.07 4.64
CA MET C 92 -2.84 15.15 4.10
C MET C 92 -2.00 14.64 2.95
N ASP C 93 -1.49 13.43 3.04
CA ASP C 93 -0.69 12.89 1.96
C ASP C 93 -1.54 12.62 0.71
N LYS C 94 -2.83 12.19 0.85
CA LYS C 94 -3.72 12.03 -0.30
C LYS C 94 -4.04 13.41 -0.90
N LEU C 95 -4.27 14.39 -0.05
CA LEU C 95 -4.55 15.77 -0.48
C LEU C 95 -3.39 16.27 -1.33
N HIS C 96 -2.14 16.04 -0.86
N HIS C 96 -2.13 16.05 -0.85
CA HIS C 96 -0.96 16.45 -1.64
CA HIS C 96 -0.91 16.43 -1.60
C HIS C 96 -0.90 15.79 -3.01
C HIS C 96 -0.92 15.80 -3.00
N GLU C 97 -1.24 14.51 -3.09
CA GLU C 97 -1.29 13.78 -4.37
C GLU C 97 -2.34 14.41 -5.32
N VAL C 98 -3.52 14.77 -4.82
CA VAL C 98 -4.55 15.40 -5.66
C VAL C 98 -4.11 16.76 -6.17
N ILE C 99 -3.70 17.64 -5.24
CA ILE C 99 -3.37 19.02 -5.62
C ILE C 99 -2.07 19.12 -6.41
N SER C 100 -1.25 18.04 -6.48
CA SER C 100 -0.01 18.00 -7.29
C SER C 100 -0.32 17.62 -8.76
N GLY C 101 -1.58 17.30 -9.06
CA GLY C 101 -2.00 16.95 -10.40
C GLY C 101 -1.97 18.13 -11.35
N ASP C 102 -2.09 17.83 -12.64
CA ASP C 102 -2.07 18.86 -13.69
C ASP C 102 -3.45 19.49 -13.80
N TYR C 103 -3.57 20.76 -13.39
CA TYR C 103 -4.82 21.52 -13.51
C TYR C 103 -4.55 22.81 -14.25
N GLU C 104 -5.28 23.06 -15.34
CA GLU C 104 -5.15 24.33 -16.06
C GLU C 104 -5.97 25.36 -15.24
N PRO C 105 -5.75 26.67 -15.42
CA PRO C 105 -6.52 27.66 -14.63
C PRO C 105 -8.04 27.54 -14.71
N SER C 106 -8.57 27.00 -15.82
CA SER C 106 -10.02 26.85 -16.01
C SER C 106 -10.58 25.56 -15.42
N GLN C 107 -9.77 24.71 -14.75
CA GLN C 107 -10.23 23.38 -14.32
C GLN C 107 -10.57 23.27 -12.83
N ALA C 108 -11.17 24.33 -12.25
CA ALA C 108 -11.63 24.23 -10.85
C ALA C 108 -12.66 23.11 -10.69
N GLU C 109 -13.56 22.90 -11.67
CA GLU C 109 -14.55 21.82 -11.57
C GLU C 109 -13.93 20.40 -11.48
N LYS C 110 -12.90 20.11 -12.29
CA LYS C 110 -12.22 18.82 -12.24
C LYS C 110 -11.52 18.63 -10.87
N LEU C 111 -10.86 19.69 -10.39
CA LEU C 111 -10.18 19.63 -9.10
C LEU C 111 -11.19 19.29 -7.99
N VAL C 112 -12.31 20.03 -7.96
CA VAL C 112 -13.37 19.83 -6.98
C VAL C 112 -13.90 18.41 -7.05
N GLN C 113 -14.05 17.85 -8.27
CA GLN C 113 -14.49 16.46 -8.39
C GLN C 113 -13.46 15.48 -7.82
N ASP C 114 -12.18 15.71 -8.08
CA ASP C 114 -11.12 14.84 -7.57
C ASP C 114 -11.00 14.94 -6.03
N LEU C 115 -11.21 16.14 -5.48
CA LEU C 115 -11.15 16.31 -4.01
C LEU C 115 -12.32 15.58 -3.33
N CYS C 116 -13.44 15.46 -4.03
CA CYS C 116 -14.59 14.71 -3.55
C CYS C 116 -14.29 13.19 -3.63
N ASP C 117 -13.86 12.72 -4.80
CA ASP C 117 -13.64 11.29 -5.04
C ASP C 117 -12.48 10.67 -4.32
N GLU C 118 -11.38 11.42 -4.14
CA GLU C 118 -10.16 10.89 -3.55
C GLU C 118 -9.94 11.20 -2.09
N THR C 119 -10.39 12.38 -1.64
CA THR C 119 -10.19 12.83 -0.26
C THR C 119 -11.50 13.00 0.54
N GLY C 120 -12.68 12.87 -0.07
CA GLY C 120 -13.92 12.97 0.68
C GLY C 120 -14.26 14.36 1.15
N ILE C 121 -13.80 15.39 0.45
CA ILE C 121 -14.17 16.77 0.77
C ILE C 121 -15.39 17.12 -0.06
N ARG C 122 -16.47 17.62 0.58
CA ARG C 122 -17.69 17.96 -0.17
C ARG C 122 -17.43 19.08 -1.17
N LYS C 123 -18.08 19.00 -2.34
CA LYS C 123 -17.83 19.95 -3.43
C LYS C 123 -18.09 21.41 -3.08
N ASN C 124 -19.13 21.67 -2.31
CA ASN C 124 -19.43 23.05 -1.91
C ASN C 124 -18.36 23.58 -0.93
N PHE C 125 -17.81 22.70 -0.08
CA PHE C 125 -16.73 23.11 0.81
C PHE C 125 -15.45 23.37 0.03
N SER C 126 -15.03 22.47 -0.88
CA SER C 126 -13.84 22.70 -1.73
CA SER C 126 -13.80 22.74 -1.64
C SER C 126 -13.95 24.01 -2.51
N THR C 127 -15.16 24.28 -3.04
CA THR C 127 -15.39 25.51 -3.80
C THR C 127 -15.20 26.73 -2.91
N SER C 128 -15.77 26.69 -1.70
CA SER C 128 -15.63 27.80 -0.75
CA SER C 128 -15.64 27.80 -0.73
C SER C 128 -14.17 28.01 -0.36
N ILE C 129 -13.43 26.89 -0.13
CA ILE C 129 -12.02 27.01 0.22
C ILE C 129 -11.25 27.63 -0.94
N LEU C 130 -11.44 27.11 -2.16
CA LEU C 130 -10.73 27.63 -3.33
C LEU C 130 -10.95 29.13 -3.47
N THR C 131 -12.18 29.58 -3.21
CA THR C 131 -12.51 30.99 -3.31
C THR C 131 -11.74 31.82 -2.26
N CYS C 132 -11.69 31.35 -1.01
CA CYS C 132 -11.00 32.13 0.00
C CYS C 132 -9.48 32.07 -0.12
N LEU C 133 -8.95 31.11 -0.92
CA LEU C 133 -7.53 31.03 -1.20
C LEU C 133 -7.17 31.84 -2.47
N SER C 134 -8.14 32.52 -3.09
CA SER C 134 -7.92 33.21 -4.38
C SER C 134 -7.38 32.23 -5.45
N GLY C 135 -7.81 30.98 -5.37
CA GLY C 135 -7.41 29.92 -6.30
C GLY C 135 -5.99 29.39 -6.15
N ASP C 136 -5.29 29.70 -5.04
CA ASP C 136 -3.90 29.28 -4.88
C ASP C 136 -3.89 27.89 -4.27
N LEU C 137 -3.76 26.87 -5.12
CA LEU C 137 -3.80 25.46 -4.68
C LEU C 137 -2.77 25.11 -3.65
N MET C 138 -1.63 25.81 -3.65
CA MET C 138 -0.53 25.55 -2.71
C MET C 138 -0.91 25.84 -1.25
N VAL C 139 -1.99 26.61 -1.02
CA VAL C 139 -2.44 26.96 0.32
C VAL C 139 -3.52 25.95 0.82
N PHE C 140 -3.98 24.97 -0.02
CA PHE C 140 -4.98 23.98 0.44
C PHE C 140 -4.52 23.21 1.66
N PRO C 141 -3.29 22.65 1.66
CA PRO C 141 -2.86 21.90 2.86
C PRO C 141 -2.85 22.76 4.12
N ARG C 142 -2.39 24.00 3.98
CA ARG C 142 -2.35 24.94 5.07
C ARG C 142 -3.76 25.14 5.64
N TYR C 143 -4.76 25.23 4.77
CA TYR C 143 -6.14 25.43 5.21
C TYR C 143 -6.54 24.31 6.14
N PHE C 144 -6.37 23.08 5.71
CA PHE C 144 -6.81 21.94 6.56
C PHE C 144 -5.98 21.79 7.82
N LEU C 145 -4.65 21.93 7.75
CA LEU C 145 -3.87 21.77 8.98
C LEU C 145 -4.28 22.76 10.03
N ASN C 146 -4.50 24.04 9.62
CA ASN C 146 -4.86 25.08 10.59
C ASN C 146 -6.30 24.95 11.05
N MET C 147 -7.22 24.58 10.16
CA MET C 147 -8.60 24.31 10.52
C MET C 147 -8.65 23.23 11.58
N PHE C 148 -7.94 22.14 11.33
CA PHE C 148 -7.95 21.01 12.25
C PHE C 148 -7.26 21.30 13.57
N LYS C 149 -6.08 21.95 13.53
CA LYS C 149 -5.34 22.29 14.74
CA LYS C 149 -5.37 22.25 14.76
C LYS C 149 -6.15 23.23 15.62
N ASP C 150 -6.71 24.29 15.02
CA ASP C 150 -7.43 25.34 15.73
C ASP C 150 -8.87 24.99 16.07
N ASN C 151 -9.43 23.94 15.44
CA ASN C 151 -10.84 23.59 15.64
C ASN C 151 -11.76 24.76 15.27
N VAL C 152 -11.45 25.43 14.14
CA VAL C 152 -12.19 26.60 13.68
C VAL C 152 -12.20 26.56 12.16
N ASN C 153 -13.33 26.90 11.55
CA ASN C 153 -13.47 26.91 10.11
C ASN C 153 -14.18 28.17 9.63
N PRO C 154 -13.54 29.02 8.83
CA PRO C 154 -12.16 28.93 8.37
C PRO C 154 -11.18 29.30 9.46
N PRO C 155 -9.89 28.95 9.28
CA PRO C 155 -8.88 29.43 10.22
C PRO C 155 -8.75 30.96 10.10
N PRO C 156 -8.90 31.70 11.21
CA PRO C 156 -9.06 33.15 11.08
C PRO C 156 -7.81 34.00 10.96
N ASN C 157 -6.62 33.46 11.24
CA ASN C 157 -5.40 34.26 11.25
C ASN C 157 -4.28 33.55 10.55
N VAL C 158 -4.51 33.12 9.31
CA VAL C 158 -3.51 32.42 8.52
C VAL C 158 -3.22 33.13 7.20
N PRO C 159 -1.94 33.46 6.95
CA PRO C 159 -1.57 34.05 5.65
C PRO C 159 -2.06 33.20 4.47
N GLY C 160 -2.66 33.86 3.50
CA GLY C 160 -3.20 33.20 2.31
C GLY C 160 -4.65 32.78 2.41
N ILE C 161 -5.24 32.80 3.62
CA ILE C 161 -6.62 32.40 3.82
C ILE C 161 -7.43 33.63 4.11
N TRP C 162 -8.19 34.09 3.10
CA TRP C 162 -8.96 35.30 3.22
C TRP C 162 -10.28 35.07 3.95
N THR C 163 -10.47 35.76 5.06
CA THR C 163 -11.72 35.68 5.80
C THR C 163 -12.68 36.79 5.35
N HIS C 164 -13.93 36.72 5.82
CA HIS C 164 -14.91 37.76 5.55
C HIS C 164 -14.40 39.10 6.05
N ASP C 165 -13.84 39.13 7.28
CA ASP C 165 -13.29 40.36 7.85
C ASP C 165 -12.16 40.93 7.00
N ASP C 166 -11.30 40.06 6.45
CA ASP C 166 -10.21 40.50 5.59
C ASP C 166 -10.76 41.17 4.34
N ASP C 167 -11.79 40.57 3.72
CA ASP C 167 -12.38 41.14 2.51
C ASP C 167 -13.04 42.50 2.79
N GLU C 168 -13.63 42.65 3.97
CA GLU C 168 -14.21 43.94 4.38
C GLU C 168 -13.10 44.97 4.60
N SER C 169 -11.96 44.58 5.20
CA SER C 169 -10.83 45.49 5.36
C SER C 169 -10.30 45.94 4.02
N LEU C 170 -10.26 45.03 3.03
CA LEU C 170 -9.76 45.35 1.71
C LEU C 170 -10.60 46.45 1.06
N LYS C 171 -11.90 46.39 1.18
CA LYS C 171 -12.78 47.39 0.55
C LYS C 171 -12.98 48.64 1.41
N SER C 172 -12.50 48.63 2.64
CA SER C 172 -12.69 49.76 3.55
C SER C 172 -12.01 51.09 3.20
N ASN C 173 -11.00 51.18 2.33
CA ASN C 173 -10.29 52.45 2.06
C ASN C 173 -9.60 52.96 3.36
N ASP C 174 -9.35 52.08 4.41
CA ASP C 174 -8.73 52.57 5.64
C ASP C 174 -7.26 52.17 5.71
N GLN C 175 -6.36 53.17 5.85
CA GLN C 175 -4.90 52.96 5.91
C GLN C 175 -4.47 51.90 6.93
N GLU C 176 -4.99 51.98 8.16
CA GLU C 176 -4.66 51.04 9.25
C GLU C 176 -5.11 49.61 8.94
N GLN C 177 -6.34 49.45 8.41
CA GLN C 177 -6.87 48.12 8.08
C GLN C 177 -6.07 47.51 6.94
N ILE C 178 -5.67 48.32 5.94
CA ILE C 178 -4.86 47.84 4.82
C ILE C 178 -3.45 47.46 5.31
N ARG C 179 -2.88 48.22 6.26
CA ARG C 179 -1.56 47.89 6.82
C ARG C 179 -1.61 46.50 7.48
N LYS C 180 -2.63 46.24 8.32
CA LYS C 180 -2.78 44.95 8.99
C LYS C 180 -3.02 43.83 7.99
N LEU C 181 -3.82 44.12 6.97
CA LEU C 181 -4.12 43.18 5.95
C LEU C 181 -2.88 42.78 5.14
N VAL C 182 -2.04 43.75 4.74
CA VAL C 182 -0.84 43.41 3.97
C VAL C 182 0.17 42.74 4.85
N LYS C 183 0.19 43.04 6.17
CA LYS C 183 1.08 42.34 7.09
C LYS C 183 0.71 40.82 7.15
N LYS C 184 -0.61 40.54 7.08
CA LYS C 184 -1.09 39.17 7.08
C LYS C 184 -0.81 38.43 5.79
N HIS C 185 -1.25 39.00 4.66
CA HIS C 185 -1.23 38.32 3.37
C HIS C 185 -0.11 38.72 2.42
N GLY C 186 0.42 39.93 2.59
CA GLY C 186 1.41 40.51 1.70
C GLY C 186 0.78 41.30 0.57
N THR C 187 1.61 42.11 -0.08
CA THR C 187 1.17 42.97 -1.17
C THR C 187 0.68 42.19 -2.38
N GLY C 188 1.43 41.16 -2.77
CA GLY C 188 1.09 40.37 -3.94
C GLY C 188 -0.29 39.75 -3.83
N ARG C 189 -0.57 39.13 -2.67
CA ARG C 189 -1.90 38.54 -2.46
C ARG C 189 -2.99 39.62 -2.42
N MET C 190 -2.69 40.76 -1.79
CA MET C 190 -3.66 41.85 -1.71
C MET C 190 -4.01 42.37 -3.10
N GLU C 191 -3.01 42.51 -3.98
CA GLU C 191 -3.28 42.95 -5.34
C GLU C 191 -4.10 41.91 -6.09
N MET C 192 -3.80 40.60 -5.90
CA MET C 192 -4.59 39.57 -6.58
C MET C 192 -6.06 39.64 -6.11
N ARG C 193 -6.26 39.80 -4.80
CA ARG C 193 -7.61 39.84 -4.22
C ARG C 193 -8.42 41.03 -4.78
N LYS C 194 -7.76 42.16 -4.90
CA LYS C 194 -8.38 43.35 -5.51
C LYS C 194 -8.78 43.09 -6.95
N ARG C 195 -7.92 42.42 -7.73
CA ARG C 195 -8.23 42.07 -9.13
C ARG C 195 -9.47 41.17 -9.19
N PHE C 196 -9.59 40.21 -8.24
CA PHE C 196 -10.76 39.30 -8.16
C PHE C 196 -12.02 40.10 -7.95
N PHE C 197 -12.00 41.06 -7.00
CA PHE C 197 -13.14 41.97 -6.78
C PHE C 197 -13.47 42.83 -7.98
N GLU C 198 -12.44 43.37 -8.65
CA GLU C 198 -12.61 44.20 -9.85
C GLU C 198 -13.30 43.44 -11.00
N LYS C 199 -12.95 42.16 -11.14
CA LYS C 199 -13.47 41.28 -12.20
C LYS C 199 -14.81 40.62 -11.83
N ASP C 200 -15.36 40.92 -10.64
CA ASP C 200 -16.64 40.38 -10.17
C ASP C 200 -16.60 38.86 -10.01
N LEU C 201 -15.46 38.36 -9.49
CA LEU C 201 -15.24 36.95 -9.18
C LEU C 201 -15.62 36.64 -7.73
N LEU C 202 -15.87 37.64 -6.88
CA LEU C 202 -16.20 37.42 -5.46
C LEU C 202 -17.57 38.00 -5.05
N ILE D 9 1.21 -18.64 6.27
CA ILE D 9 0.51 -17.72 5.39
C ILE D 9 -0.52 -16.94 6.21
N ARG D 10 -0.67 -15.62 5.99
CA ARG D 10 -1.64 -14.80 6.75
C ARG D 10 -3.03 -14.77 6.12
N ILE D 11 -3.16 -15.22 4.85
CA ILE D 11 -4.45 -15.27 4.14
C ILE D 11 -5.34 -16.25 4.90
N PRO D 12 -6.44 -15.79 5.51
CA PRO D 12 -7.34 -16.73 6.22
C PRO D 12 -8.14 -17.50 5.17
N ILE D 13 -8.46 -18.77 5.44
CA ILE D 13 -9.20 -19.59 4.49
C ILE D 13 -10.59 -19.93 4.97
N PHE D 14 -11.49 -20.19 4.03
CA PHE D 14 -12.88 -20.53 4.35
C PHE D 14 -13.54 -21.25 3.20
N ASN D 15 -14.76 -21.78 3.45
CA ASN D 15 -15.59 -22.49 2.47
C ASN D 15 -16.91 -21.76 2.27
N ILE E 9 2.98 -17.20 7.37
CA ILE E 9 4.08 -17.00 6.43
C ILE E 9 4.97 -18.26 6.45
N ARG E 10 5.42 -18.74 5.27
CA ARG E 10 6.27 -19.94 5.19
C ARG E 10 7.76 -19.64 5.29
N ILE E 11 8.16 -18.36 5.19
CA ILE E 11 9.58 -17.95 5.29
C ILE E 11 10.03 -18.31 6.70
N PRO E 12 10.99 -19.26 6.84
CA PRO E 12 11.49 -19.58 8.19
C PRO E 12 12.39 -18.47 8.68
N ILE E 13 12.34 -18.18 10.00
CA ILE E 13 13.10 -17.13 10.69
C ILE E 13 14.40 -17.69 11.27
N PHE E 14 15.43 -16.85 11.44
CA PHE E 14 16.60 -17.24 12.23
C PHE E 14 17.44 -16.02 12.60
N ASN E 15 18.44 -16.23 13.50
CA ASN E 15 19.38 -15.21 13.95
C ASN E 15 20.81 -15.60 13.59
N ILE F 9 -17.00 26.46 -11.83
CA ILE F 9 -16.56 27.51 -10.93
C ILE F 9 -15.75 28.54 -11.75
N ARG F 10 -15.94 29.85 -11.50
CA ARG F 10 -15.21 30.89 -12.24
C ARG F 10 -13.87 31.26 -11.61
N ILE F 11 -13.62 30.84 -10.34
CA ILE F 11 -12.36 31.11 -9.63
C ILE F 11 -11.26 30.42 -10.42
N PRO F 12 -10.30 31.18 -11.01
CA PRO F 12 -9.21 30.52 -11.73
C PRO F 12 -8.23 29.94 -10.70
N ILE F 13 -7.61 28.79 -11.02
CA ILE F 13 -6.69 28.15 -10.08
C ILE F 13 -5.27 28.19 -10.57
N PHE F 14 -4.34 28.11 -9.62
CA PHE F 14 -2.91 28.14 -9.95
C PHE F 14 -2.08 27.53 -8.83
N ASN F 15 -0.77 27.33 -9.10
CA ASN F 15 0.21 26.79 -8.15
C ASN F 15 1.32 27.81 -7.90
#